data_1N96
#
_entry.id   1N96
#
_cell.length_a   1.000
_cell.length_b   1.000
_cell.length_c   1.000
_cell.angle_alpha   90.00
_cell.angle_beta   90.00
_cell.angle_gamma   90.00
#
_symmetry.space_group_name_H-M   'P 1'
#
_entity_poly.entity_id   1
_entity_poly.type   'polydeoxyribonucleotide'
_entity_poly.pdbx_seq_one_letter_code
;(DC)(DG)(DC)(DT)(DC)(DA)(DT)(DT)
;
_entity_poly.pdbx_strand_id   A,B
#